data_3FPJ
#
_entry.id   3FPJ
#
_cell.length_a   64.600
_cell.length_b   68.980
_cell.length_c   147.390
_cell.angle_alpha   90.000
_cell.angle_beta   90.000
_cell.angle_gamma   90.000
#
_symmetry.space_group_name_H-M   'P 21 21 21'
#
loop_
_entity.id
_entity.type
_entity.pdbx_description
1 polymer 'Putative uncharacterized protein'
2 non-polymer S-ADENOSYLMETHIONINE
3 non-polymer 'BROMIDE ION'
4 non-polymer 2-[3-(2-HYDROXY-1,1-DIHYDROXYMETHYL-ETHYLAMINO)-PROPYLAMINO]-2-HYDROXYMETHYL-PROPANE-1,3-DIOL
5 water water
#
_entity_poly.entity_id   1
_entity_poly.type   'polypeptide(L)'
_entity_poly.pdbx_seq_one_letter_code
;MSCYIYWDKIKRIASRLEGMNYHFDEMDTSGVMPLLDEIEEIAHDSTIDFESAKHILDDAEMNHALSLIRKFYVNLGMKL
QMEKAQEVIESDSPWETLRSFYFYPRYLELLKNEAALGRFRRGERAVFIGGGPLPLTGILLSHVYGMRVNVVEIEPDIAE
LSRKVIEGLGVDGVNVITGDETVIDGLEFDVLMVAALAEPKRRVFRNIHRYVDTETRIIYRTYTGMRAILYAPVSDDDIT
GFRRAGVVLPSGKVNNTSVLVFKCPDKGELNSKLEGKPIPNPLLGLDSTRTGHHHHHH
;
_entity_poly.pdbx_strand_id   A,B
#
# COMPACT_ATOMS: atom_id res chain seq x y z
N SER A 2 -17.49 4.31 -9.05
CA SER A 2 -16.48 5.40 -9.38
C SER A 2 -16.46 6.54 -10.46
N CYS A 3 -15.80 7.62 -10.06
CA CYS A 3 -15.94 8.92 -10.74
C CYS A 3 -14.65 9.80 -10.57
N TYR A 4 -13.47 9.16 -10.64
CA TYR A 4 -12.19 9.87 -10.43
C TYR A 4 -11.92 10.77 -11.64
N ILE A 5 -11.47 11.99 -11.35
CA ILE A 5 -11.24 13.00 -12.41
C ILE A 5 -10.09 12.56 -13.34
N TYR A 6 -9.24 11.62 -12.89
CA TYR A 6 -8.08 11.17 -13.68
C TYR A 6 -8.49 10.18 -14.71
N TRP A 7 -9.64 9.54 -14.48
CA TRP A 7 -10.13 8.61 -15.46
C TRP A 7 -10.22 9.34 -16.83
N ASP A 8 -10.87 10.51 -16.86
CA ASP A 8 -11.08 11.18 -18.11
C ASP A 8 -9.79 11.75 -18.66
N LYS A 9 -8.95 12.28 -17.77
CA LYS A 9 -7.66 12.83 -18.15
C LYS A 9 -6.77 11.83 -18.82
N ILE A 10 -6.65 10.64 -18.23
CA ILE A 10 -5.96 9.52 -18.92
C ILE A 10 -6.59 9.20 -20.32
N LYS A 11 -7.91 8.98 -20.38
CA LYS A 11 -8.60 8.71 -21.60
C LYS A 11 -8.25 9.75 -22.71
N ARG A 12 -8.19 11.04 -22.32
CA ARG A 12 -7.87 12.13 -23.23
C ARG A 12 -6.45 12.11 -23.72
N ILE A 13 -5.47 11.92 -22.83
CA ILE A 13 -4.09 11.78 -23.23
C ILE A 13 -4.00 10.56 -24.21
N ALA A 14 -4.58 9.41 -23.86
CA ALA A 14 -4.55 8.27 -24.76
C ALA A 14 -5.15 8.56 -26.15
N SER A 15 -6.21 9.35 -26.23
CA SER A 15 -6.79 9.72 -27.52
C SER A 15 -5.71 10.45 -28.37
N ARG A 16 -4.83 11.23 -27.74
CA ARG A 16 -3.76 11.89 -28.53
C ARG A 16 -2.53 11.02 -28.88
N LEU A 17 -2.38 9.86 -28.25
CA LEU A 17 -1.38 8.88 -28.69
C LEU A 17 -1.88 7.86 -29.75
N GLU A 18 -3.19 7.69 -29.87
CA GLU A 18 -3.75 6.60 -30.71
C GLU A 18 -3.20 6.56 -32.16
N GLY A 19 -3.18 7.72 -32.81
CA GLY A 19 -2.75 7.85 -34.21
C GLY A 19 -1.25 8.05 -34.29
N MET A 20 -0.51 7.73 -33.26
CA MET A 20 0.83 8.27 -33.16
C MET A 20 1.94 7.24 -33.06
N ASP A 28 10.07 12.67 -32.73
CA ASP A 28 10.69 13.83 -32.12
C ASP A 28 10.63 13.79 -30.62
N THR A 29 11.66 13.22 -30.05
CA THR A 29 11.91 13.16 -28.62
C THR A 29 11.69 14.52 -27.88
N SER A 30 12.24 15.60 -28.43
CA SER A 30 12.01 16.94 -27.89
C SER A 30 10.52 17.35 -27.98
N GLY A 31 9.89 17.15 -29.13
CA GLY A 31 8.55 17.65 -29.33
C GLY A 31 7.47 16.86 -28.61
N VAL A 32 7.79 15.66 -28.11
CA VAL A 32 6.79 14.87 -27.32
C VAL A 32 7.00 14.90 -25.80
N MET A 33 7.99 15.69 -25.36
CA MET A 33 8.23 15.89 -23.95
C MET A 33 6.97 16.37 -23.17
N PRO A 34 6.18 17.33 -23.74
CA PRO A 34 4.98 17.73 -23.03
C PRO A 34 3.98 16.60 -22.76
N LEU A 35 3.91 15.62 -23.67
CA LEU A 35 3.09 14.40 -23.45
C LEU A 35 3.56 13.59 -22.22
N LEU A 36 4.88 13.41 -22.10
CA LEU A 36 5.46 12.82 -20.96
C LEU A 36 5.04 13.58 -19.68
N ASP A 37 5.17 14.90 -19.68
CA ASP A 37 4.79 15.76 -18.55
C ASP A 37 3.38 15.47 -18.14
N GLU A 38 2.48 15.37 -19.13
CA GLU A 38 1.02 15.17 -18.83
C GLU A 38 0.82 13.85 -18.11
N ILE A 39 1.48 12.80 -18.63
CA ILE A 39 1.40 11.46 -18.10
C ILE A 39 2.06 11.47 -16.68
N GLU A 40 3.28 11.95 -16.55
CA GLU A 40 3.88 12.02 -15.25
C GLU A 40 3.18 12.89 -14.19
N GLU A 41 2.51 13.96 -14.58
CA GLU A 41 1.70 14.77 -13.61
C GLU A 41 0.64 13.87 -12.88
N ILE A 42 0.00 13.02 -13.65
CA ILE A 42 -0.87 11.98 -13.09
C ILE A 42 -0.10 10.88 -12.29
N ALA A 43 0.89 10.22 -12.92
CA ALA A 43 1.71 9.19 -12.21
C ALA A 43 2.26 9.67 -10.86
N HIS A 44 2.67 10.94 -10.81
CA HIS A 44 3.39 11.42 -9.66
C HIS A 44 2.44 12.02 -8.63
N ASP A 45 1.12 11.95 -8.89
CA ASP A 45 0.14 12.65 -8.05
C ASP A 45 -0.02 11.86 -6.75
N SER A 46 0.37 12.50 -5.64
CA SER A 46 0.60 11.82 -4.39
C SER A 46 -0.70 11.78 -3.62
N THR A 47 -1.71 12.53 -4.07
CA THR A 47 -3.06 12.42 -3.48
C THR A 47 -3.79 11.15 -3.99
N ILE A 48 -3.23 10.45 -4.99
CA ILE A 48 -3.85 9.20 -5.46
C ILE A 48 -3.33 8.01 -4.69
N ASP A 49 -4.18 7.40 -3.88
CA ASP A 49 -3.77 6.23 -3.05
C ASP A 49 -3.61 4.89 -3.88
N PHE A 50 -2.95 3.86 -3.33
CA PHE A 50 -2.72 2.65 -4.11
C PHE A 50 -4.05 1.91 -4.51
N GLU A 51 -5.12 2.10 -3.71
CA GLU A 51 -6.44 1.48 -3.99
C GLU A 51 -7.10 2.18 -5.17
N SER A 52 -7.11 3.50 -5.15
CA SER A 52 -7.62 4.29 -6.23
C SER A 52 -6.85 3.94 -7.54
N ALA A 53 -5.50 3.99 -7.47
CA ALA A 53 -4.59 3.73 -8.61
C ALA A 53 -5.05 2.46 -9.23
N LYS A 54 -5.16 1.40 -8.43
CA LYS A 54 -5.52 0.04 -8.90
C LYS A 54 -6.92 0.01 -9.46
N HIS A 55 -7.83 0.80 -8.88
CA HIS A 55 -9.20 0.87 -9.44
C HIS A 55 -9.19 1.39 -10.90
N ILE A 56 -8.39 2.43 -11.15
CA ILE A 56 -8.32 3.04 -12.50
C ILE A 56 -7.67 2.01 -13.43
N LEU A 57 -6.49 1.55 -13.04
CA LEU A 57 -5.62 0.79 -13.98
C LEU A 57 -6.04 -0.64 -14.25
N ASP A 58 -6.72 -1.24 -13.29
CA ASP A 58 -7.15 -2.65 -13.38
C ASP A 58 -8.45 -2.83 -14.18
N ASP A 59 -9.08 -1.71 -14.51
CA ASP A 59 -10.40 -1.72 -15.10
C ASP A 59 -10.31 -2.04 -16.59
N ALA A 60 -11.20 -2.94 -17.04
CA ALA A 60 -11.16 -3.42 -18.42
C ALA A 60 -11.32 -2.29 -19.49
N GLU A 61 -12.16 -1.30 -19.20
CA GLU A 61 -12.38 -0.10 -20.05
C GLU A 61 -11.13 0.78 -20.17
N MET A 62 -10.21 0.63 -19.21
CA MET A 62 -8.94 1.33 -19.25
C MET A 62 -7.84 0.53 -20.02
N ASN A 63 -8.15 -0.69 -20.46
CA ASN A 63 -7.15 -1.50 -21.03
C ASN A 63 -6.39 -0.95 -22.25
N HIS A 64 -7.14 -0.51 -23.26
CA HIS A 64 -6.52 0.09 -24.42
C HIS A 64 -5.70 1.39 -24.16
N ALA A 65 -6.27 2.30 -23.37
CA ALA A 65 -5.59 3.54 -22.95
C ALA A 65 -4.30 3.24 -22.18
N LEU A 66 -4.32 2.30 -21.23
CA LEU A 66 -3.12 1.89 -20.54
C LEU A 66 -2.03 1.44 -21.54
N SER A 67 -2.40 0.61 -22.53
CA SER A 67 -1.45 0.07 -23.48
C SER A 67 -0.84 1.18 -24.40
N LEU A 68 -1.66 2.12 -24.90
CA LEU A 68 -1.14 3.31 -25.62
C LEU A 68 -0.09 4.09 -24.84
N ILE A 69 -0.38 4.32 -23.57
CA ILE A 69 0.52 5.15 -22.69
C ILE A 69 1.80 4.35 -22.40
N ARG A 70 1.65 3.08 -22.11
CA ARG A 70 2.82 2.27 -21.86
C ARG A 70 3.74 2.20 -23.11
N LYS A 71 3.14 2.00 -24.28
CA LYS A 71 3.88 1.97 -25.57
C LYS A 71 4.69 3.28 -25.75
N PHE A 72 4.08 4.42 -25.47
CA PHE A 72 4.69 5.72 -25.61
C PHE A 72 5.85 5.84 -24.63
N TYR A 73 5.60 5.42 -23.40
CA TYR A 73 6.59 5.52 -22.35
C TYR A 73 7.87 4.73 -22.61
N VAL A 74 7.75 3.47 -22.98
CA VAL A 74 8.97 2.72 -23.25
C VAL A 74 9.68 3.24 -24.55
N ASN A 75 8.93 3.66 -25.58
CA ASN A 75 9.52 4.23 -26.80
C ASN A 75 10.29 5.53 -26.60
N LEU A 76 9.67 6.52 -25.93
CA LEU A 76 10.43 7.69 -25.64
C LEU A 76 11.64 7.42 -24.74
N GLY A 77 11.46 6.51 -23.79
CA GLY A 77 12.49 6.11 -22.88
C GLY A 77 13.72 5.63 -23.60
N MET A 78 13.51 4.73 -24.55
CA MET A 78 14.58 4.09 -25.31
CA MET A 78 14.63 4.13 -25.22
C MET A 78 15.26 5.09 -26.23
N LYS A 79 14.44 5.84 -26.96
CA LYS A 79 14.97 6.83 -27.87
C LYS A 79 15.79 7.91 -27.15
N LEU A 80 15.37 8.32 -25.96
CA LEU A 80 16.14 9.31 -25.15
C LEU A 80 17.49 8.73 -24.73
N GLN A 81 17.46 7.43 -24.34
CA GLN A 81 18.71 6.69 -24.01
C GLN A 81 19.69 6.55 -25.18
N MET A 82 19.20 6.09 -26.31
CA MET A 82 19.96 6.09 -27.55
C MET A 82 20.58 7.43 -27.82
N GLU A 83 19.76 8.45 -27.89
CA GLU A 83 20.23 9.72 -28.30
C GLU A 83 21.34 10.17 -27.33
N LYS A 84 21.11 10.02 -26.02
CA LYS A 84 22.11 10.44 -25.04
C LYS A 84 23.41 9.63 -25.16
N ALA A 85 23.27 8.32 -25.40
CA ALA A 85 24.43 7.43 -25.55
C ALA A 85 25.38 8.05 -26.55
N GLN A 86 24.82 8.43 -27.71
CA GLN A 86 25.63 8.83 -28.86
C GLN A 86 26.21 10.18 -28.54
N GLU A 87 25.35 11.07 -28.01
CA GLU A 87 25.78 12.35 -27.54
C GLU A 87 26.98 12.25 -26.64
N VAL A 88 26.92 11.33 -25.65
CA VAL A 88 28.02 11.11 -24.70
C VAL A 88 29.31 10.70 -25.45
N ILE A 89 29.16 9.74 -26.39
CA ILE A 89 30.27 9.25 -27.19
C ILE A 89 30.96 10.35 -28.04
N GLU A 90 30.19 11.29 -28.58
CA GLU A 90 30.73 12.36 -29.41
C GLU A 90 31.19 13.59 -28.62
N SER A 91 30.95 13.61 -27.30
CA SER A 91 31.20 14.81 -26.53
C SER A 91 32.63 14.96 -26.02
N ASP A 92 33.15 16.19 -26.19
CA ASP A 92 34.36 16.66 -25.52
C ASP A 92 34.26 16.67 -24.01
N SER A 93 33.04 16.82 -23.48
CA SER A 93 32.78 16.85 -22.04
C SER A 93 31.76 15.78 -21.67
N PRO A 94 32.14 14.49 -21.78
CA PRO A 94 31.16 13.39 -21.64
C PRO A 94 30.44 13.40 -20.28
N TRP A 95 31.13 13.68 -19.17
CA TRP A 95 30.46 13.61 -17.86
C TRP A 95 29.42 14.75 -17.74
N GLU A 96 29.67 15.90 -18.34
CA GLU A 96 28.71 17.02 -18.33
C GLU A 96 27.52 16.67 -19.22
N THR A 97 27.81 16.07 -20.37
CA THR A 97 26.75 15.70 -21.26
C THR A 97 25.92 14.59 -20.55
N LEU A 98 26.57 13.63 -19.88
CA LEU A 98 25.82 12.58 -19.12
C LEU A 98 24.89 13.24 -18.08
N ARG A 99 25.42 14.21 -17.33
CA ARG A 99 24.67 14.85 -16.27
C ARG A 99 23.38 15.57 -16.74
N SER A 100 23.34 15.89 -18.03
CA SER A 100 22.23 16.70 -18.52
C SER A 100 21.14 15.72 -19.06
N PHE A 101 21.39 14.42 -18.98
CA PHE A 101 20.38 13.41 -19.39
C PHE A 101 19.07 13.76 -18.60
N TYR A 102 17.94 13.86 -19.29
CA TYR A 102 16.65 14.18 -18.66
C TYR A 102 16.40 13.43 -17.30
N PHE A 103 16.67 12.14 -17.29
CA PHE A 103 16.45 11.27 -16.10
C PHE A 103 17.63 11.18 -15.08
N TYR A 104 18.75 11.87 -15.35
CA TYR A 104 19.93 11.79 -14.44
C TYR A 104 19.61 12.03 -12.95
N PRO A 105 18.99 13.19 -12.61
CA PRO A 105 18.81 13.41 -11.17
C PRO A 105 17.96 12.31 -10.50
N ARG A 106 17.01 11.78 -11.26
CA ARG A 106 16.16 10.68 -10.80
C ARG A 106 16.95 9.41 -10.52
N TYR A 107 17.80 9.00 -11.46
CA TYR A 107 18.61 7.87 -11.27
C TYR A 107 19.50 7.99 -10.07
N LEU A 108 20.08 9.19 -9.83
CA LEU A 108 20.88 9.38 -8.62
C LEU A 108 20.12 9.07 -7.34
N GLU A 109 18.96 9.68 -7.18
CA GLU A 109 18.03 9.42 -6.07
C GLU A 109 17.69 7.94 -5.90
N LEU A 110 17.22 7.34 -6.96
CA LEU A 110 16.92 5.92 -7.03
C LEU A 110 18.06 5.07 -6.53
N LEU A 111 19.25 5.25 -7.08
CA LEU A 111 20.37 4.39 -6.73
C LEU A 111 20.84 4.73 -5.31
N LYS A 112 20.70 6.01 -4.91
CA LYS A 112 20.94 6.45 -3.52
C LYS A 112 20.15 5.66 -2.49
N ASN A 113 18.85 5.51 -2.68
CA ASN A 113 17.97 4.67 -1.82
C ASN A 113 18.19 3.14 -1.92
N GLU A 114 18.56 2.65 -3.10
CA GLU A 114 18.95 1.28 -3.33
C GLU A 114 20.20 0.91 -2.60
N ALA A 115 21.23 1.76 -2.70
CA ALA A 115 22.50 1.66 -1.93
C ALA A 115 22.28 1.45 -0.41
N ALA A 116 21.25 2.09 0.14
CA ALA A 116 20.84 1.90 1.51
C ALA A 116 20.03 0.61 1.64
N LEU A 117 19.07 0.39 0.75
CA LEU A 117 18.27 -0.83 0.77
C LEU A 117 19.18 -2.08 0.70
N GLY A 118 20.25 -1.96 -0.12
CA GLY A 118 21.18 -3.06 -0.40
C GLY A 118 22.52 -3.07 0.33
N ARG A 119 22.70 -2.17 1.29
CA ARG A 119 23.98 -1.93 1.94
C ARG A 119 25.24 -2.04 1.06
N PHE A 120 25.31 -1.20 0.01
CA PHE A 120 26.43 -1.21 -0.94
C PHE A 120 27.72 -0.73 -0.32
N ARG A 121 28.84 -1.41 -0.63
CA ARG A 121 30.16 -1.05 -0.10
C ARG A 121 31.26 -0.99 -1.18
N ARG A 122 32.27 -0.12 -1.03
CA ARG A 122 33.29 -0.08 -2.07
C ARG A 122 33.88 -1.47 -2.19
N GLY A 123 34.13 -1.89 -3.42
CA GLY A 123 34.80 -3.14 -3.71
C GLY A 123 33.87 -4.33 -3.81
N GLU A 124 32.60 -4.21 -3.45
CA GLU A 124 31.65 -5.31 -3.69
C GLU A 124 31.39 -5.52 -5.16
N ARG A 125 30.91 -6.70 -5.51
CA ARG A 125 30.74 -7.06 -6.90
C ARG A 125 29.28 -6.96 -7.23
N ALA A 126 28.98 -6.12 -8.19
CA ALA A 126 27.58 -5.97 -8.65
C ALA A 126 27.43 -6.47 -10.08
N VAL A 127 26.33 -7.17 -10.32
CA VAL A 127 25.86 -7.55 -11.65
C VAL A 127 24.49 -6.84 -11.95
N PHE A 128 24.41 -6.24 -13.12
CA PHE A 128 23.19 -5.46 -13.53
C PHE A 128 22.59 -5.95 -14.80
N ILE A 129 21.40 -6.58 -14.69
CA ILE A 129 20.74 -7.21 -15.83
C ILE A 129 19.84 -6.17 -16.57
N GLY A 130 20.19 -5.98 -17.85
CA GLY A 130 19.46 -5.15 -18.79
C GLY A 130 20.10 -3.81 -18.93
N GLY A 131 21.36 -3.70 -19.37
CA GLY A 131 21.97 -2.36 -19.31
C GLY A 131 21.49 -1.28 -20.28
N GLY A 132 21.10 -1.67 -21.47
CA GLY A 132 20.60 -0.74 -22.50
C GLY A 132 21.77 -0.02 -23.15
N PRO A 133 21.49 1.04 -23.96
CA PRO A 133 22.46 1.86 -24.67
C PRO A 133 23.24 2.75 -23.74
N LEU A 134 22.57 3.26 -22.68
CA LEU A 134 23.15 4.14 -21.69
C LEU A 134 23.12 3.39 -20.33
N PRO A 135 24.21 2.68 -20.03
CA PRO A 135 24.23 1.92 -18.78
C PRO A 135 24.48 2.76 -17.49
N LEU A 136 23.54 3.66 -17.17
CA LEU A 136 23.80 4.78 -16.20
C LEU A 136 23.93 4.18 -14.83
N THR A 137 23.07 3.25 -14.49
CA THR A 137 23.15 2.64 -13.15
C THR A 137 24.44 1.86 -13.01
N GLY A 138 24.81 1.08 -14.06
CA GLY A 138 26.11 0.38 -14.12
C GLY A 138 27.27 1.32 -13.79
N ILE A 139 27.27 2.46 -14.46
CA ILE A 139 28.25 3.49 -14.37
C ILE A 139 28.33 4.03 -12.93
N LEU A 140 27.16 4.25 -12.33
CA LEU A 140 27.00 4.86 -10.99
C LEU A 140 27.40 3.86 -9.90
N LEU A 141 27.11 2.57 -10.10
CA LEU A 141 27.58 1.50 -9.19
C LEU A 141 29.12 1.64 -8.93
N SER A 142 29.85 1.89 -9.99
CA SER A 142 31.30 2.07 -9.86
C SER A 142 31.70 3.54 -9.56
N HIS A 143 31.22 4.47 -10.36
CA HIS A 143 31.61 5.87 -10.19
C HIS A 143 31.24 6.38 -8.81
N VAL A 144 30.02 6.13 -8.36
CA VAL A 144 29.59 6.62 -7.02
C VAL A 144 29.92 5.57 -5.90
N TYR A 145 29.53 4.32 -6.10
CA TYR A 145 29.56 3.35 -5.00
C TYR A 145 30.88 2.51 -4.92
N GLY A 146 31.73 2.64 -5.95
CA GLY A 146 33.03 2.01 -6.03
C GLY A 146 32.97 0.52 -6.14
N MET A 147 31.84 -0.03 -6.66
CA MET A 147 31.66 -1.46 -6.84
C MET A 147 32.27 -1.90 -8.16
N ARG A 148 32.65 -3.21 -8.23
CA ARG A 148 33.17 -3.86 -9.45
C ARG A 148 31.93 -4.34 -10.19
N VAL A 149 31.74 -3.86 -11.44
CA VAL A 149 30.47 -4.10 -12.13
C VAL A 149 30.55 -4.90 -13.47
N ASN A 150 29.68 -5.91 -13.64
CA ASN A 150 29.38 -6.52 -14.97
C ASN A 150 27.94 -6.16 -15.34
N VAL A 151 27.75 -5.49 -16.49
CA VAL A 151 26.42 -5.06 -16.97
C VAL A 151 26.14 -6.13 -17.97
N VAL A 152 24.91 -6.59 -18.00
CA VAL A 152 24.49 -7.59 -18.98
C VAL A 152 23.46 -6.99 -19.95
N GLU A 153 23.72 -7.22 -21.25
CA GLU A 153 22.86 -6.69 -22.27
C GLU A 153 22.67 -7.73 -23.36
N ILE A 154 21.42 -8.10 -23.64
CA ILE A 154 21.07 -9.16 -24.60
C ILE A 154 21.39 -8.85 -26.06
N GLU A 155 21.26 -7.58 -26.45
CA GLU A 155 21.38 -7.15 -27.90
C GLU A 155 22.84 -6.75 -28.18
N PRO A 156 23.55 -7.49 -29.04
CA PRO A 156 24.96 -7.18 -29.29
C PRO A 156 25.24 -5.75 -29.74
N ASP A 157 24.38 -5.16 -30.55
CA ASP A 157 24.69 -3.83 -31.05
C ASP A 157 24.53 -2.80 -29.93
N ILE A 158 23.57 -3.02 -29.03
CA ILE A 158 23.35 -2.12 -27.93
C ILE A 158 24.47 -2.28 -26.90
N ALA A 159 24.81 -3.54 -26.58
CA ALA A 159 26.00 -3.83 -25.76
C ALA A 159 27.20 -3.07 -26.39
N GLU A 160 27.39 -3.17 -27.71
CA GLU A 160 28.61 -2.55 -28.26
C GLU A 160 28.63 -1.04 -28.01
N LEU A 161 27.48 -0.42 -28.21
CA LEU A 161 27.30 1.00 -28.00
C LEU A 161 27.52 1.41 -26.53
N SER A 162 26.96 0.61 -25.63
CA SER A 162 27.12 0.87 -24.17
C SER A 162 28.59 0.85 -23.73
N ARG A 163 29.40 -0.05 -24.32
CA ARG A 163 30.87 -0.04 -24.07
C ARG A 163 31.50 1.30 -24.51
N LYS A 164 31.08 1.84 -25.66
CA LYS A 164 31.62 3.09 -26.19
C LYS A 164 31.25 4.26 -25.21
N VAL A 165 30.04 4.18 -24.62
CA VAL A 165 29.68 5.13 -23.54
C VAL A 165 30.59 5.06 -22.31
N ILE A 166 30.76 3.85 -21.75
CA ILE A 166 31.67 3.60 -20.56
C ILE A 166 33.15 4.10 -20.81
N GLU A 167 33.63 3.77 -21.99
CA GLU A 167 34.93 4.10 -22.51
C GLU A 167 35.11 5.62 -22.72
N GLY A 168 34.14 6.22 -23.38
CA GLY A 168 34.07 7.69 -23.57
C GLY A 168 34.16 8.45 -22.25
N LEU A 169 33.48 7.91 -21.23
CA LEU A 169 33.47 8.48 -19.86
C LEU A 169 34.76 8.26 -19.09
N GLY A 170 35.56 7.31 -19.53
CA GLY A 170 36.71 6.87 -18.76
C GLY A 170 36.33 6.24 -17.46
N VAL A 171 35.10 5.73 -17.27
CA VAL A 171 34.78 4.98 -16.04
C VAL A 171 35.64 3.68 -15.98
N ASP A 172 36.21 3.41 -14.78
CA ASP A 172 36.91 2.17 -14.35
C ASP A 172 35.95 1.20 -13.68
N GLY A 173 36.11 -0.09 -14.04
CA GLY A 173 35.59 -1.24 -13.28
C GLY A 173 34.17 -1.53 -13.69
N VAL A 174 33.81 -1.07 -14.90
CA VAL A 174 32.51 -1.38 -15.53
C VAL A 174 32.65 -2.06 -16.88
N ASN A 175 32.27 -3.35 -16.91
CA ASN A 175 32.42 -4.17 -18.10
C ASN A 175 31.00 -4.58 -18.53
N VAL A 176 30.77 -4.77 -19.84
CA VAL A 176 29.51 -5.12 -20.41
C VAL A 176 29.61 -6.55 -21.01
N ILE A 177 28.77 -7.46 -20.51
CA ILE A 177 28.77 -8.79 -21.06
C ILE A 177 27.52 -8.93 -22.01
N THR A 178 27.76 -9.37 -23.22
CA THR A 178 26.73 -9.53 -24.20
C THR A 178 26.04 -10.88 -23.93
N GLY A 179 24.74 -10.85 -23.60
CA GLY A 179 24.12 -12.17 -23.31
C GLY A 179 22.76 -12.10 -22.59
N ASP A 180 22.13 -13.23 -22.34
CA ASP A 180 20.89 -13.18 -21.52
C ASP A 180 21.26 -13.32 -20.01
N GLU A 181 20.26 -13.30 -19.13
CA GLU A 181 20.44 -13.44 -17.66
C GLU A 181 21.22 -14.74 -17.23
N THR A 182 21.29 -15.76 -18.07
CA THR A 182 22.00 -17.00 -17.67
C THR A 182 23.53 -16.83 -17.65
N VAL A 183 24.07 -15.74 -18.22
CA VAL A 183 25.50 -15.45 -18.11
C VAL A 183 25.97 -15.30 -16.67
N ILE A 184 25.02 -15.00 -15.73
CA ILE A 184 25.29 -15.08 -14.31
C ILE A 184 25.80 -16.42 -13.80
N ASP A 185 25.57 -17.50 -14.53
CA ASP A 185 26.03 -18.85 -14.11
C ASP A 185 27.55 -18.78 -13.90
N GLY A 186 28.31 -18.28 -14.84
CA GLY A 186 29.78 -18.15 -14.51
C GLY A 186 30.37 -16.89 -13.84
N LEU A 187 29.55 -16.12 -13.12
CA LEU A 187 30.04 -14.93 -12.41
C LEU A 187 30.04 -15.10 -10.90
N GLU A 188 30.86 -14.34 -10.18
CA GLU A 188 30.75 -14.29 -8.72
C GLU A 188 30.47 -12.85 -8.37
N PHE A 189 29.47 -12.65 -7.49
CA PHE A 189 28.92 -11.34 -7.20
C PHE A 189 28.20 -11.27 -5.85
N ASP A 190 28.09 -10.06 -5.29
CA ASP A 190 27.56 -9.84 -3.93
C ASP A 190 26.12 -9.31 -4.08
N VAL A 191 25.98 -8.44 -5.07
CA VAL A 191 24.68 -7.83 -5.42
C VAL A 191 24.29 -7.96 -6.89
N LEU A 192 23.01 -8.31 -7.11
CA LEU A 192 22.44 -8.54 -8.44
C LEU A 192 21.24 -7.58 -8.62
N MET A 193 21.32 -6.71 -9.63
CA MET A 193 20.19 -5.80 -9.92
C MET A 193 19.52 -6.14 -11.24
N VAL A 194 18.22 -5.97 -11.26
CA VAL A 194 17.39 -6.30 -12.41
C VAL A 194 16.69 -5.02 -12.91
N ALA A 195 16.97 -4.63 -14.16
CA ALA A 195 16.45 -3.36 -14.69
C ALA A 195 14.96 -3.38 -14.83
N ALA A 196 14.36 -2.18 -14.77
CA ALA A 196 12.87 -2.12 -14.83
C ALA A 196 12.42 -2.76 -16.15
N LEU A 197 13.22 -2.52 -17.19
CA LEU A 197 12.84 -3.01 -18.54
C LEU A 197 13.39 -4.34 -18.87
N ALA A 198 14.14 -4.95 -17.96
CA ALA A 198 14.54 -6.36 -18.12
C ALA A 198 13.35 -7.36 -18.29
N GLU A 199 13.28 -7.96 -19.44
CA GLU A 199 12.11 -8.81 -19.75
C GLU A 199 12.62 -10.12 -20.34
N PRO A 200 11.81 -11.22 -20.29
CA PRO A 200 10.51 -11.28 -19.66
C PRO A 200 10.65 -11.59 -18.16
N LYS A 201 9.92 -10.88 -17.31
CA LYS A 201 10.09 -11.09 -15.85
C LYS A 201 10.09 -12.59 -15.39
N ARG A 202 9.14 -13.34 -15.92
CA ARG A 202 8.95 -14.74 -15.38
C ARG A 202 10.21 -15.52 -15.69
N ARG A 203 10.70 -15.43 -16.92
CA ARG A 203 11.86 -16.28 -17.28
C ARG A 203 13.07 -15.75 -16.50
N VAL A 204 13.21 -14.43 -16.47
CA VAL A 204 14.37 -13.76 -15.88
C VAL A 204 14.48 -14.20 -14.42
N PHE A 205 13.40 -14.24 -13.65
CA PHE A 205 13.51 -14.57 -12.23
C PHE A 205 13.67 -16.07 -12.07
N ARG A 206 13.04 -16.88 -12.91
CA ARG A 206 13.27 -18.38 -12.83
C ARG A 206 14.77 -18.71 -12.97
N ASN A 207 15.43 -18.08 -13.97
CA ASN A 207 16.83 -18.29 -14.23
C ASN A 207 17.70 -17.74 -13.10
N ILE A 208 17.47 -16.51 -12.63
CA ILE A 208 18.19 -15.95 -11.48
C ILE A 208 18.12 -16.95 -10.32
N HIS A 209 16.93 -17.53 -10.11
CA HIS A 209 16.71 -18.43 -8.99
C HIS A 209 17.76 -19.57 -9.01
N ARG A 210 17.97 -20.13 -10.21
CA ARG A 210 18.98 -21.16 -10.49
C ARG A 210 20.44 -20.82 -10.08
N TYR A 211 20.81 -19.57 -10.19
CA TYR A 211 22.23 -19.21 -10.14
C TYR A 211 22.65 -18.28 -8.97
N VAL A 212 21.74 -18.07 -8.03
CA VAL A 212 22.09 -17.30 -6.84
C VAL A 212 21.99 -18.26 -5.67
N ASP A 213 22.46 -17.84 -4.50
CA ASP A 213 22.07 -18.52 -3.28
C ASP A 213 21.29 -17.61 -2.34
N THR A 214 21.14 -18.03 -1.09
CA THR A 214 20.15 -17.36 -0.24
C THR A 214 20.79 -16.15 0.41
N GLU A 215 22.07 -15.92 0.15
CA GLU A 215 22.71 -14.76 0.71
C GLU A 215 22.79 -13.65 -0.32
N THR A 216 22.55 -13.94 -1.58
CA THR A 216 22.72 -12.89 -2.58
C THR A 216 21.64 -11.83 -2.40
N ARG A 217 22.08 -10.57 -2.20
CA ARG A 217 21.18 -9.39 -2.16
C ARG A 217 20.68 -9.13 -3.58
N ILE A 218 19.39 -9.33 -3.84
CA ILE A 218 18.90 -9.10 -5.22
C ILE A 218 17.95 -7.92 -5.15
N ILE A 219 18.26 -6.87 -5.91
CA ILE A 219 17.38 -5.69 -6.11
C ILE A 219 16.71 -5.59 -7.46
N TYR A 220 15.36 -5.53 -7.46
CA TYR A 220 14.68 -5.28 -8.71
C TYR A 220 13.85 -3.98 -8.72
N ARG A 221 13.67 -3.43 -9.90
CA ARG A 221 12.82 -2.27 -10.12
C ARG A 221 11.46 -2.62 -10.76
N THR A 222 10.46 -2.02 -10.12
CA THR A 222 9.09 -2.23 -10.48
C THR A 222 8.33 -0.88 -10.48
N TYR A 223 7.00 -0.93 -10.45
CA TYR A 223 6.13 0.28 -10.46
C TYR A 223 4.95 -0.06 -9.63
N THR A 224 4.57 0.85 -8.74
CA THR A 224 3.48 0.63 -7.77
C THR A 224 2.61 1.90 -7.78
N GLY A 225 1.37 1.80 -7.31
CA GLY A 225 0.44 2.93 -7.33
C GLY A 225 0.14 3.47 -8.70
N MET A 226 -0.07 4.79 -8.78
CA MET A 226 -0.37 5.49 -10.05
C MET A 226 0.80 5.37 -11.09
N ARG A 227 2.00 5.07 -10.60
CA ARG A 227 3.19 4.96 -11.41
C ARG A 227 3.15 3.70 -12.28
N ALA A 228 2.23 2.79 -11.95
CA ALA A 228 1.97 1.59 -12.75
C ALA A 228 1.37 1.97 -14.11
N ILE A 229 0.92 3.23 -14.24
CA ILE A 229 0.42 3.68 -15.53
C ILE A 229 1.57 3.62 -16.59
N LEU A 230 2.84 3.66 -16.15
CA LEU A 230 3.98 3.81 -17.08
C LEU A 230 4.42 2.48 -17.61
N TYR A 231 4.33 1.46 -16.73
CA TYR A 231 4.83 0.11 -17.10
C TYR A 231 4.18 -0.94 -16.24
N ALA A 232 3.99 -2.13 -16.81
CA ALA A 232 3.49 -3.33 -16.09
C ALA A 232 4.43 -3.72 -14.93
N PRO A 233 3.85 -3.77 -13.70
CA PRO A 233 4.58 -4.17 -12.50
C PRO A 233 4.99 -5.64 -12.60
N VAL A 234 6.17 -5.95 -12.06
CA VAL A 234 6.58 -7.29 -11.67
C VAL A 234 5.55 -7.81 -10.67
N SER A 235 4.96 -8.93 -11.03
CA SER A 235 4.01 -9.62 -10.20
C SER A 235 4.60 -10.47 -9.07
N ASP A 236 3.72 -10.77 -8.10
CA ASP A 236 3.98 -11.70 -7.03
C ASP A 236 4.52 -13.03 -7.54
N ASP A 237 3.80 -13.57 -8.51
CA ASP A 237 4.06 -14.81 -9.18
C ASP A 237 5.41 -14.84 -9.89
N ASP A 238 5.95 -13.66 -10.19
CA ASP A 238 7.19 -13.51 -10.98
C ASP A 238 8.33 -13.85 -10.03
N ILE A 239 8.18 -13.46 -8.75
CA ILE A 239 9.20 -13.70 -7.71
C ILE A 239 8.97 -14.95 -6.82
N THR A 240 8.21 -15.90 -7.34
CA THR A 240 8.13 -17.23 -6.69
C THR A 240 9.53 -17.81 -6.37
N GLY A 241 9.69 -18.38 -5.17
CA GLY A 241 10.97 -18.92 -4.72
C GLY A 241 11.88 -17.83 -4.13
N PHE A 242 11.37 -16.59 -4.03
CA PHE A 242 12.03 -15.47 -3.34
C PHE A 242 11.13 -14.88 -2.23
N ARG A 243 11.74 -14.11 -1.31
CA ARG A 243 10.96 -13.35 -0.32
C ARG A 243 11.43 -11.97 -0.34
N ARG A 244 10.50 -11.04 -0.11
CA ARG A 244 10.84 -9.62 -0.01
C ARG A 244 11.43 -9.28 1.30
N ALA A 245 12.45 -8.47 1.26
CA ALA A 245 13.11 -8.10 2.45
C ALA A 245 13.31 -6.62 2.61
N GLY A 246 12.52 -5.81 1.94
CA GLY A 246 12.61 -4.37 2.00
C GLY A 246 12.13 -3.84 0.64
N VAL A 247 11.46 -2.71 0.67
CA VAL A 247 10.97 -2.02 -0.48
C VAL A 247 11.21 -0.51 -0.25
N VAL A 248 11.49 0.19 -1.33
CA VAL A 248 11.57 1.67 -1.34
C VAL A 248 10.53 2.13 -2.33
N LEU A 249 9.47 2.76 -1.80
CA LEU A 249 8.51 3.48 -2.64
C LEU A 249 9.03 4.86 -3.07
N PRO A 250 8.88 5.23 -4.36
CA PRO A 250 9.44 6.47 -4.81
C PRO A 250 8.66 7.73 -4.37
N SER A 251 9.31 8.89 -4.46
CA SER A 251 8.66 10.19 -4.27
C SER A 251 9.31 11.15 -5.26
N GLY A 252 8.74 12.33 -5.38
CA GLY A 252 9.28 13.28 -6.35
C GLY A 252 8.99 12.77 -7.74
N LYS A 253 9.97 12.80 -8.62
CA LYS A 253 9.77 12.40 -10.00
C LYS A 253 10.34 11.00 -10.23
N VAL A 254 10.83 10.35 -9.18
CA VAL A 254 11.38 9.00 -9.35
C VAL A 254 10.19 8.11 -9.66
N ASN A 255 10.30 7.32 -10.71
CA ASN A 255 9.20 6.42 -11.12
C ASN A 255 9.24 4.99 -10.60
N ASN A 256 10.44 4.47 -10.37
CA ASN A 256 10.56 3.07 -9.90
C ASN A 256 10.47 2.91 -8.38
N THR A 257 9.81 1.82 -8.00
CA THR A 257 9.91 1.23 -6.67
C THR A 257 11.06 0.23 -6.72
N SER A 258 11.91 0.18 -5.70
CA SER A 258 13.01 -0.77 -5.65
C SER A 258 12.68 -1.84 -4.56
N VAL A 259 12.74 -3.12 -4.92
CA VAL A 259 12.48 -4.21 -4.00
C VAL A 259 13.70 -5.09 -3.86
N LEU A 260 13.98 -5.46 -2.61
CA LEU A 260 15.08 -6.37 -2.23
C LEU A 260 14.49 -7.68 -1.88
N VAL A 261 14.95 -8.71 -2.61
CA VAL A 261 14.52 -10.08 -2.40
C VAL A 261 15.72 -11.00 -2.03
N PHE A 262 15.40 -12.12 -1.38
CA PHE A 262 16.36 -13.22 -1.22
C PHE A 262 15.72 -14.54 -1.77
N LYS A 263 16.56 -15.39 -2.38
CA LYS A 263 16.10 -16.72 -2.71
C LYS A 263 15.60 -17.46 -1.41
N CYS A 264 14.48 -18.17 -1.45
CA CYS A 264 14.09 -19.16 -0.38
C CYS A 264 15.15 -20.32 -0.42
N PRO A 265 15.58 -20.92 0.73
CA PRO A 265 15.48 -22.23 1.39
C PRO A 265 14.71 -23.31 0.63
N SER B 2 6.57 -19.07 -1.05
CA SER B 2 7.69 -18.24 -0.53
C SER B 2 8.19 -18.79 0.81
N CYS B 3 8.75 -17.95 1.67
CA CYS B 3 9.53 -18.40 2.82
C CYS B 3 9.67 -17.30 3.91
N TYR B 4 8.57 -16.57 4.14
CA TYR B 4 8.44 -15.57 5.23
C TYR B 4 8.42 -16.23 6.61
N ILE B 5 9.22 -15.70 7.56
CA ILE B 5 9.29 -16.19 8.99
C ILE B 5 7.91 -16.21 9.57
N TYR B 6 7.12 -15.22 9.10
CA TYR B 6 5.82 -14.97 9.65
C TYR B 6 4.82 -16.07 9.46
N TRP B 7 5.01 -16.85 8.40
CA TRP B 7 4.10 -17.90 8.05
C TRP B 7 3.96 -18.89 9.24
N ASP B 8 5.04 -19.51 9.69
CA ASP B 8 4.91 -20.46 10.81
C ASP B 8 4.41 -19.82 12.11
N LYS B 9 4.93 -18.62 12.43
CA LYS B 9 4.45 -17.77 13.57
C LYS B 9 2.97 -17.78 13.58
N ILE B 10 2.39 -17.38 12.48
CA ILE B 10 0.96 -17.27 12.29
C ILE B 10 0.29 -18.65 12.47
N LYS B 11 0.83 -19.69 11.83
CA LYS B 11 0.27 -21.05 11.99
C LYS B 11 0.19 -21.56 13.46
N ARG B 12 1.22 -21.28 14.25
CA ARG B 12 1.27 -21.68 15.67
C ARG B 12 0.27 -20.93 16.50
N ILE B 13 0.11 -19.64 16.18
CA ILE B 13 -0.84 -18.77 16.88
C ILE B 13 -2.21 -19.34 16.75
N ALA B 14 -2.53 -19.83 15.54
CA ALA B 14 -3.91 -20.25 15.15
C ALA B 14 -4.21 -21.60 15.78
N SER B 15 -3.16 -22.45 15.83
CA SER B 15 -3.15 -23.71 16.51
C SER B 15 -3.52 -23.53 18.01
N ARG B 16 -2.82 -22.61 18.66
CA ARG B 16 -3.19 -22.22 20.03
C ARG B 16 -4.67 -21.76 20.13
N LEU B 17 -5.11 -20.90 19.20
CA LEU B 17 -6.52 -20.43 19.22
C LEU B 17 -7.50 -21.60 19.05
N GLU B 18 -7.20 -22.45 18.08
CA GLU B 18 -8.03 -23.59 17.79
C GLU B 18 -8.19 -24.50 19.03
N GLY B 19 -7.09 -24.76 19.74
CA GLY B 19 -7.15 -25.64 20.93
C GLY B 19 -7.89 -25.03 22.08
N MET B 20 -7.76 -23.72 22.20
CA MET B 20 -8.46 -22.92 23.18
C MET B 20 -9.95 -22.81 22.96
N ASN B 21 -10.39 -22.64 21.71
CA ASN B 21 -11.84 -22.55 21.33
C ASN B 21 -12.51 -23.86 21.58
N TYR B 22 -11.76 -24.94 21.42
CA TYR B 22 -12.21 -26.27 21.80
C TYR B 22 -12.59 -26.39 23.31
N HIS B 23 -11.75 -25.88 24.17
CA HIS B 23 -12.00 -25.98 25.59
C HIS B 23 -13.10 -25.02 26.07
N PHE B 24 -13.23 -23.83 25.44
CA PHE B 24 -14.10 -22.74 25.96
C PHE B 24 -14.71 -21.89 24.87
N ASP B 25 -16.05 -21.82 24.82
CA ASP B 25 -16.74 -20.82 23.97
C ASP B 25 -16.55 -19.39 24.45
N GLU B 26 -16.58 -19.20 25.78
CA GLU B 26 -16.51 -17.91 26.47
C GLU B 26 -15.04 -17.58 26.62
N MET B 27 -14.64 -16.47 26.02
CA MET B 27 -13.28 -15.92 26.11
C MET B 27 -12.93 -15.46 27.50
N ASP B 28 -11.71 -15.74 27.96
CA ASP B 28 -11.21 -15.23 29.20
C ASP B 28 -10.30 -14.11 28.82
N THR B 29 -10.82 -12.92 29.00
CA THR B 29 -10.27 -11.75 28.40
C THR B 29 -8.86 -11.45 28.97
N SER B 30 -8.68 -11.56 30.27
CA SER B 30 -7.36 -11.43 30.96
C SER B 30 -6.32 -12.42 30.46
N GLY B 31 -6.75 -13.70 30.46
CA GLY B 31 -5.97 -14.87 30.02
C GLY B 31 -5.43 -14.79 28.61
N VAL B 32 -6.11 -14.08 27.69
CA VAL B 32 -5.73 -14.10 26.25
C VAL B 32 -4.97 -12.85 25.77
N MET B 33 -4.73 -11.89 26.67
CA MET B 33 -3.94 -10.73 26.27
C MET B 33 -2.56 -11.00 25.64
N PRO B 34 -1.76 -11.93 26.26
CA PRO B 34 -0.52 -12.34 25.56
C PRO B 34 -0.69 -12.70 24.09
N LEU B 35 -1.80 -13.33 23.78
CA LEU B 35 -2.01 -13.86 22.43
C LEU B 35 -2.32 -12.64 21.54
N LEU B 36 -3.17 -11.76 22.00
CA LEU B 36 -3.40 -10.48 21.21
C LEU B 36 -2.10 -9.75 20.93
N ASP B 37 -1.24 -9.75 21.94
CA ASP B 37 -0.05 -8.97 21.80
C ASP B 37 0.87 -9.63 20.78
N GLU B 38 0.88 -10.98 20.72
CA GLU B 38 1.71 -11.71 19.70
C GLU B 38 1.17 -11.39 18.28
N ILE B 39 -0.14 -11.26 18.20
CA ILE B 39 -0.79 -11.03 16.92
C ILE B 39 -0.51 -9.60 16.51
N GLU B 40 -0.62 -8.65 17.45
CA GLU B 40 -0.34 -7.22 17.14
C GLU B 40 1.12 -6.97 16.82
N GLU B 41 2.04 -7.75 17.35
CA GLU B 41 3.46 -7.51 16.98
C GLU B 41 3.73 -7.85 15.49
N ILE B 42 2.97 -8.80 14.97
CA ILE B 42 3.00 -9.18 13.56
C ILE B 42 2.26 -8.09 12.73
N ALA B 43 1.05 -7.72 13.16
CA ALA B 43 0.26 -6.65 12.48
C ALA B 43 1.05 -5.33 12.37
N HIS B 44 1.73 -4.94 13.45
CA HIS B 44 2.37 -3.62 13.55
C HIS B 44 3.78 -3.54 13.03
N ASP B 45 4.29 -4.63 12.47
CA ASP B 45 5.69 -4.69 12.04
C ASP B 45 5.87 -3.80 10.81
N SER B 46 6.52 -2.65 10.93
CA SER B 46 6.58 -1.74 9.75
C SER B 46 7.58 -2.24 8.66
N THR B 47 8.35 -3.29 9.00
CA THR B 47 9.28 -3.84 8.05
C THR B 47 8.57 -4.60 6.94
N ILE B 48 7.30 -4.96 7.14
CA ILE B 48 6.55 -5.62 6.04
C ILE B 48 5.67 -4.69 5.14
N ASP B 49 5.96 -4.75 3.83
CA ASP B 49 5.30 -3.98 2.79
C ASP B 49 3.93 -4.60 2.46
N PHE B 50 3.02 -3.79 1.91
CA PHE B 50 1.67 -4.17 1.52
C PHE B 50 1.66 -5.31 0.51
N GLU B 51 2.66 -5.35 -0.35
CA GLU B 51 2.71 -6.41 -1.34
C GLU B 51 2.93 -7.76 -0.68
N SER B 52 3.95 -7.88 0.17
CA SER B 52 4.19 -9.10 0.93
C SER B 52 3.04 -9.50 1.87
N ALA B 53 2.42 -8.49 2.50
CA ALA B 53 1.32 -8.70 3.43
C ALA B 53 0.22 -9.43 2.71
N LYS B 54 -0.15 -8.97 1.51
CA LYS B 54 -1.11 -9.79 0.76
C LYS B 54 -0.53 -11.12 0.23
N HIS B 55 0.75 -11.18 -0.21
CA HIS B 55 1.36 -12.50 -0.50
CA HIS B 55 1.33 -12.54 -0.49
C HIS B 55 0.96 -13.44 0.65
N ILE B 56 1.44 -13.11 1.86
CA ILE B 56 1.14 -13.89 3.10
C ILE B 56 -0.39 -14.18 3.25
N LEU B 57 -1.17 -13.10 3.34
CA LEU B 57 -2.48 -13.20 3.88
C LEU B 57 -3.55 -13.68 2.88
N ASP B 58 -3.26 -13.59 1.62
CA ASP B 58 -4.25 -14.07 0.65
C ASP B 58 -4.00 -15.52 0.17
N ASP B 59 -2.88 -16.12 0.58
CA ASP B 59 -2.58 -17.52 0.23
C ASP B 59 -3.62 -18.49 0.77
N ALA B 60 -4.04 -19.45 -0.04
CA ALA B 60 -5.21 -20.22 0.31
C ALA B 60 -4.90 -21.07 1.55
N GLU B 61 -3.60 -21.36 1.74
CA GLU B 61 -3.04 -22.19 2.83
C GLU B 61 -3.09 -21.53 4.20
N MET B 62 -3.24 -20.22 4.15
CA MET B 62 -3.30 -19.37 5.29
C MET B 62 -4.77 -19.08 5.65
N ASN B 63 -5.72 -19.63 4.89
CA ASN B 63 -7.09 -19.13 5.07
C ASN B 63 -7.69 -19.62 6.40
N HIS B 64 -7.49 -20.91 6.69
CA HIS B 64 -7.94 -21.44 7.97
C HIS B 64 -7.36 -20.66 9.19
N ALA B 65 -6.03 -20.49 9.24
CA ALA B 65 -5.31 -19.71 10.30
C ALA B 65 -5.79 -18.26 10.38
N LEU B 66 -5.78 -17.54 9.26
CA LEU B 66 -6.33 -16.16 9.18
C LEU B 66 -7.78 -16.04 9.72
N SER B 67 -8.67 -16.98 9.37
CA SER B 67 -10.02 -16.91 9.91
C SER B 67 -10.09 -17.03 11.47
N LEU B 68 -9.17 -17.81 12.04
CA LEU B 68 -9.16 -18.14 13.46
C LEU B 68 -8.61 -16.93 14.14
N ILE B 69 -7.63 -16.28 13.49
CA ILE B 69 -7.07 -15.06 14.11
C ILE B 69 -8.11 -13.95 14.07
N ARG B 70 -8.80 -13.81 12.91
CA ARG B 70 -9.84 -12.77 12.76
C ARG B 70 -11.00 -12.99 13.75
N LYS B 71 -11.37 -14.25 14.03
CA LYS B 71 -12.56 -14.57 14.92
C LYS B 71 -12.15 -14.18 16.35
N PHE B 72 -10.96 -14.59 16.73
CA PHE B 72 -10.31 -14.11 17.98
C PHE B 72 -10.31 -12.59 18.17
N TYR B 73 -9.79 -11.83 17.20
CA TYR B 73 -9.72 -10.38 17.35
C TYR B 73 -11.10 -9.74 17.53
N VAL B 74 -12.11 -10.17 16.78
CA VAL B 74 -13.43 -9.55 16.95
C VAL B 74 -14.05 -10.03 18.31
N ASN B 75 -13.83 -11.28 18.71
CA ASN B 75 -14.53 -11.84 19.88
C ASN B 75 -13.92 -11.24 21.11
N LEU B 76 -12.60 -11.03 21.10
CA LEU B 76 -11.92 -10.36 22.20
C LEU B 76 -12.34 -8.90 22.33
N GLY B 77 -12.36 -8.15 21.22
CA GLY B 77 -12.64 -6.70 21.23
C GLY B 77 -14.10 -6.49 21.70
N MET B 78 -15.02 -7.35 21.25
CA MET B 78 -16.41 -7.25 21.67
CA MET B 78 -16.46 -7.38 21.66
C MET B 78 -16.54 -7.57 23.17
N LYS B 79 -15.89 -8.61 23.66
CA LYS B 79 -15.89 -8.87 25.13
C LYS B 79 -15.23 -7.77 26.01
N LEU B 80 -14.04 -7.32 25.59
CA LEU B 80 -13.47 -6.17 26.21
C LEU B 80 -14.45 -4.98 26.25
N GLN B 81 -15.12 -4.67 25.13
CA GLN B 81 -16.10 -3.59 25.13
C GLN B 81 -17.22 -3.79 26.19
N MET B 82 -17.87 -4.98 26.19
CA MET B 82 -18.91 -5.38 27.16
C MET B 82 -18.45 -5.27 28.61
N GLU B 83 -17.26 -5.76 28.85
CA GLU B 83 -16.72 -5.68 30.21
C GLU B 83 -16.54 -4.18 30.67
N LYS B 84 -15.96 -3.36 29.79
CA LYS B 84 -15.61 -1.99 30.10
C LYS B 84 -16.89 -1.22 30.29
N ALA B 85 -17.89 -1.52 29.44
CA ALA B 85 -19.16 -0.77 29.45
C ALA B 85 -19.85 -0.95 30.84
N GLN B 86 -19.86 -2.20 31.29
CA GLN B 86 -20.55 -2.52 32.54
C GLN B 86 -19.73 -1.88 33.70
N GLU B 87 -18.42 -1.95 33.64
CA GLU B 87 -17.57 -1.22 34.64
C GLU B 87 -17.84 0.21 34.73
N VAL B 88 -17.90 0.85 33.54
CA VAL B 88 -18.22 2.29 33.53
C VAL B 88 -19.54 2.60 34.22
N ILE B 89 -20.57 1.82 33.85
CA ILE B 89 -21.89 1.97 34.45
C ILE B 89 -21.90 1.82 36.00
N GLU B 90 -21.09 0.93 36.58
CA GLU B 90 -21.06 0.77 38.03
C GLU B 90 -20.07 1.67 38.75
N SER B 91 -19.22 2.32 37.98
CA SER B 91 -18.15 3.12 38.55
C SER B 91 -18.60 4.48 39.11
N ASP B 92 -17.98 4.84 40.23
CA ASP B 92 -18.09 6.14 40.91
C ASP B 92 -17.08 7.09 40.31
N SER B 93 -16.11 6.52 39.58
CA SER B 93 -15.20 7.33 38.70
C SER B 93 -15.28 6.89 37.21
N PRO B 94 -16.42 7.17 36.54
CA PRO B 94 -16.67 6.75 35.15
C PRO B 94 -15.62 7.09 34.12
N TRP B 95 -15.09 8.32 34.19
CA TRP B 95 -14.11 8.71 33.22
C TRP B 95 -12.78 7.95 33.49
N GLU B 96 -12.36 7.89 34.73
CA GLU B 96 -11.15 7.20 35.09
C GLU B 96 -11.26 5.74 34.56
N THR B 97 -12.41 5.11 34.76
CA THR B 97 -12.65 3.71 34.35
C THR B 97 -12.60 3.61 32.83
N LEU B 98 -13.21 4.59 32.17
CA LEU B 98 -13.26 4.64 30.73
C LEU B 98 -11.84 4.64 30.20
N ARG B 99 -10.98 5.46 30.83
CA ARG B 99 -9.66 5.77 30.32
C ARG B 99 -8.75 4.58 30.35
N SER B 100 -9.07 3.61 31.21
CA SER B 100 -8.28 2.40 31.29
C SER B 100 -8.66 1.32 30.27
N PHE B 101 -9.61 1.61 29.37
CA PHE B 101 -10.01 0.65 28.36
C PHE B 101 -8.73 0.39 27.54
N TYR B 102 -8.39 -0.88 27.34
CA TYR B 102 -7.18 -1.27 26.63
C TYR B 102 -6.87 -0.39 25.38
N PHE B 103 -7.84 -0.28 24.49
CA PHE B 103 -7.65 0.42 23.19
C PHE B 103 -7.86 1.96 23.26
N TYR B 104 -8.15 2.50 24.45
CA TYR B 104 -8.48 3.93 24.60
C TYR B 104 -7.51 4.85 23.82
N PRO B 105 -6.19 4.89 24.20
CA PRO B 105 -5.23 5.77 23.48
C PRO B 105 -5.24 5.63 21.94
N ARG B 106 -5.43 4.45 21.39
CA ARG B 106 -5.61 4.27 19.98
C ARG B 106 -6.77 5.03 19.38
N TYR B 107 -7.92 4.99 20.01
CA TYR B 107 -9.07 5.74 19.55
C TYR B 107 -8.86 7.25 19.54
N LEU B 108 -8.17 7.82 20.55
CA LEU B 108 -7.86 9.26 20.59
C LEU B 108 -7.01 9.61 19.38
N GLU B 109 -6.02 8.75 19.07
CA GLU B 109 -5.13 9.03 17.97
C GLU B 109 -5.85 8.83 16.64
N LEU B 110 -6.63 7.76 16.55
CA LEU B 110 -7.40 7.54 15.33
C LEU B 110 -8.39 8.68 15.09
N LEU B 111 -9.14 9.05 16.12
CA LEU B 111 -10.14 10.11 15.92
C LEU B 111 -9.53 11.43 15.52
N LYS B 112 -8.42 11.82 16.11
CA LYS B 112 -7.68 12.98 15.67
C LYS B 112 -7.35 13.00 14.15
N ASN B 113 -6.91 11.85 13.61
CA ASN B 113 -6.51 11.86 12.27
C ASN B 113 -7.76 11.98 11.40
N GLU B 114 -8.82 11.29 11.77
CA GLU B 114 -10.16 11.44 11.15
C GLU B 114 -10.74 12.85 11.17
N ALA B 115 -10.54 13.54 12.32
CA ALA B 115 -10.96 14.96 12.50
C ALA B 115 -10.34 15.89 11.45
N ALA B 116 -9.07 15.65 11.12
CA ALA B 116 -8.37 16.42 10.08
C ALA B 116 -8.82 15.96 8.67
N LEU B 117 -8.76 14.68 8.42
CA LEU B 117 -9.26 14.04 7.16
C LEU B 117 -10.67 14.51 6.81
N GLY B 118 -11.59 14.47 7.76
CA GLY B 118 -12.97 14.85 7.43
C GLY B 118 -13.37 16.27 7.89
N ARG B 119 -12.39 17.10 8.31
CA ARG B 119 -12.61 18.51 8.68
C ARG B 119 -13.80 18.68 9.67
N PHE B 120 -13.80 17.89 10.76
CA PHE B 120 -14.83 17.98 11.80
C PHE B 120 -14.86 19.39 12.36
N ARG B 121 -16.04 19.96 12.47
CA ARG B 121 -16.28 21.26 13.10
C ARG B 121 -17.34 21.10 14.22
N ARG B 122 -17.13 21.89 15.28
CA ARG B 122 -18.02 21.89 16.43
C ARG B 122 -19.40 22.25 15.91
N GLY B 123 -20.39 21.50 16.34
CA GLY B 123 -21.77 21.77 15.95
C GLY B 123 -22.30 20.90 14.83
N GLU B 124 -21.41 20.33 14.03
CA GLU B 124 -21.84 19.50 12.87
C GLU B 124 -22.45 18.17 13.36
N ARG B 125 -23.38 17.63 12.56
CA ARG B 125 -24.10 16.41 12.98
C ARG B 125 -23.31 15.26 12.45
N ALA B 126 -22.92 14.31 13.29
CA ALA B 126 -22.34 13.06 12.75
C ALA B 126 -23.21 11.90 13.09
N VAL B 127 -23.25 10.98 12.17
CA VAL B 127 -23.87 9.68 12.45
C VAL B 127 -22.78 8.56 12.37
N PHE B 128 -22.74 7.72 13.39
CA PHE B 128 -21.79 6.59 13.48
C PHE B 128 -22.49 5.28 13.39
N ILE B 129 -22.20 4.48 12.33
CA ILE B 129 -22.84 3.23 12.20
C ILE B 129 -22.00 2.13 12.86
N GLY B 130 -22.64 1.49 13.82
CA GLY B 130 -22.09 0.32 14.50
C GLY B 130 -21.58 0.70 15.86
N GLY B 131 -22.48 0.99 16.81
CA GLY B 131 -22.06 1.66 18.01
C GLY B 131 -21.33 0.75 19.03
N GLY B 132 -21.83 -0.46 19.17
CA GLY B 132 -21.25 -1.42 20.16
C GLY B 132 -21.66 -1.01 21.59
N PRO B 133 -21.29 -1.81 22.57
CA PRO B 133 -21.65 -1.67 23.97
C PRO B 133 -20.92 -0.47 24.58
N LEU B 134 -19.70 -0.24 24.08
CA LEU B 134 -18.90 0.88 24.52
C LEU B 134 -18.71 1.86 23.35
N PRO B 135 -19.65 2.82 23.25
CA PRO B 135 -19.70 3.64 22.04
C PRO B 135 -18.65 4.77 22.10
N LEU B 136 -17.39 4.37 22.27
CA LEU B 136 -16.25 5.30 22.46
C LEU B 136 -16.13 6.35 21.32
N THR B 137 -16.32 5.90 20.08
CA THR B 137 -16.16 6.82 18.97
C THR B 137 -17.25 7.96 19.06
N GLY B 138 -18.52 7.57 19.26
CA GLY B 138 -19.53 8.67 19.35
C GLY B 138 -19.36 9.53 20.61
N ILE B 139 -19.00 8.87 21.72
CA ILE B 139 -18.68 9.63 22.96
C ILE B 139 -17.62 10.75 22.72
N LEU B 140 -16.52 10.40 22.07
CA LEU B 140 -15.42 11.32 21.71
C LEU B 140 -15.82 12.39 20.69
N LEU B 141 -16.60 12.02 19.65
CA LEU B 141 -17.15 12.95 18.67
C LEU B 141 -17.83 14.11 19.38
N SER B 142 -18.57 13.80 20.42
CA SER B 142 -19.23 14.84 21.19
C SER B 142 -18.24 15.50 22.19
N HIS B 143 -17.66 14.73 23.10
CA HIS B 143 -16.86 15.25 24.26
C HIS B 143 -15.63 15.97 23.80
N VAL B 144 -14.93 15.43 22.81
CA VAL B 144 -13.70 16.06 22.28
C VAL B 144 -14.07 17.05 21.11
N TYR B 145 -14.80 16.58 20.11
CA TYR B 145 -15.01 17.28 18.84
C TYR B 145 -16.24 18.21 18.79
N GLY B 146 -17.14 18.15 19.79
CA GLY B 146 -18.25 19.11 19.85
C GLY B 146 -19.38 18.88 18.84
N MET B 147 -19.40 17.69 18.28
CA MET B 147 -20.41 17.29 17.28
C MET B 147 -21.67 16.79 17.96
N ARG B 148 -22.73 16.86 17.17
CA ARG B 148 -24.06 16.42 17.59
C ARG B 148 -24.18 15.04 17.02
N VAL B 149 -24.13 14.06 17.90
CA VAL B 149 -23.98 12.66 17.44
C VAL B 149 -25.21 11.72 17.59
N ASN B 150 -25.48 11.00 16.50
CA ASN B 150 -26.30 9.75 16.54
C ASN B 150 -25.46 8.48 16.33
N VAL B 151 -25.56 7.54 17.25
CA VAL B 151 -24.85 6.32 17.11
C VAL B 151 -25.91 5.23 16.75
N VAL B 152 -25.67 4.39 15.75
CA VAL B 152 -26.63 3.34 15.34
C VAL B 152 -26.12 2.00 15.76
N GLU B 153 -26.99 1.18 16.35
CA GLU B 153 -26.58 -0.14 16.90
C GLU B 153 -27.76 -1.05 16.62
N ILE B 154 -27.52 -2.13 15.89
CA ILE B 154 -28.59 -3.02 15.42
C ILE B 154 -29.17 -3.92 16.54
N GLU B 155 -28.35 -4.28 17.52
CA GLU B 155 -28.70 -5.18 18.61
C GLU B 155 -29.35 -4.43 19.78
N PRO B 156 -30.65 -4.67 20.03
CA PRO B 156 -31.25 -3.75 20.98
C PRO B 156 -30.69 -3.76 22.37
N ASP B 157 -30.30 -4.91 22.85
CA ASP B 157 -29.72 -4.93 24.23
C ASP B 157 -28.36 -4.23 24.29
N ILE B 158 -27.63 -4.29 23.17
CA ILE B 158 -26.30 -3.63 23.06
C ILE B 158 -26.55 -2.13 22.95
N ALA B 159 -27.55 -1.74 22.13
CA ALA B 159 -27.91 -0.27 22.11
C ALA B 159 -28.30 0.22 23.54
N GLU B 160 -29.10 -0.58 24.27
CA GLU B 160 -29.49 -0.27 25.63
CA GLU B 160 -29.49 -0.14 25.63
C GLU B 160 -28.35 0.00 26.57
N LEU B 161 -27.40 -0.97 26.58
CA LEU B 161 -26.21 -0.87 27.42
C LEU B 161 -25.43 0.44 27.02
N SER B 162 -25.30 0.69 25.71
CA SER B 162 -24.61 1.85 25.21
C SER B 162 -25.23 3.18 25.77
N ARG B 163 -26.58 3.28 25.76
CA ARG B 163 -27.23 4.50 26.33
C ARG B 163 -26.82 4.73 27.77
N LYS B 164 -26.79 3.63 28.50
CA LYS B 164 -26.46 3.65 29.91
C LYS B 164 -25.00 4.13 30.14
N VAL B 165 -24.08 3.66 29.31
CA VAL B 165 -22.65 4.14 29.37
C VAL B 165 -22.58 5.67 29.19
N ILE B 166 -23.31 6.17 28.16
CA ILE B 166 -23.36 7.61 27.78
C ILE B 166 -23.86 8.47 28.97
N GLU B 167 -24.97 8.03 29.56
CA GLU B 167 -25.56 8.61 30.78
C GLU B 167 -24.63 8.60 32.04
N GLY B 168 -24.02 7.44 32.30
CA GLY B 168 -23.02 7.23 33.28
C GLY B 168 -21.92 8.24 33.14
N LEU B 169 -21.52 8.55 31.91
CA LEU B 169 -20.43 9.48 31.74
C LEU B 169 -20.89 10.97 31.67
N GLY B 170 -22.19 11.23 31.73
CA GLY B 170 -22.72 12.61 31.66
C GLY B 170 -22.49 13.21 30.30
N VAL B 171 -22.40 12.38 29.27
CA VAL B 171 -22.12 12.92 27.98
C VAL B 171 -23.42 13.34 27.30
N ASP B 172 -23.48 14.61 26.90
CA ASP B 172 -24.62 15.20 26.13
C ASP B 172 -24.37 15.10 24.60
N GLY B 173 -25.44 15.22 23.79
CA GLY B 173 -25.27 15.30 22.32
C GLY B 173 -24.83 13.99 21.71
N VAL B 174 -25.07 12.89 22.39
CA VAL B 174 -24.89 11.55 21.80
C VAL B 174 -26.16 10.72 21.99
N ASN B 175 -26.87 10.53 20.88
CA ASN B 175 -28.13 9.84 20.94
C ASN B 175 -27.85 8.48 20.32
N VAL B 176 -28.57 7.44 20.75
CA VAL B 176 -28.39 6.10 20.24
C VAL B 176 -29.70 5.65 19.56
N ILE B 177 -29.56 5.34 18.28
CA ILE B 177 -30.62 4.74 17.45
C ILE B 177 -30.52 3.18 17.39
N THR B 178 -31.63 2.45 17.64
CA THR B 178 -31.61 0.99 17.50
C THR B 178 -32.15 0.77 16.10
N GLY B 179 -31.33 0.16 15.26
CA GLY B 179 -31.74 -0.13 13.94
C GLY B 179 -30.50 -0.48 13.18
N ASP B 180 -30.68 -0.74 11.89
CA ASP B 180 -29.61 -0.99 10.95
C ASP B 180 -29.28 0.30 10.23
N GLU B 181 -28.36 0.25 9.25
CA GLU B 181 -27.88 1.42 8.55
C GLU B 181 -28.97 2.14 7.78
N THR B 182 -30.12 1.50 7.51
CA THR B 182 -31.21 2.21 6.86
C THR B 182 -31.89 3.30 7.66
N VAL B 183 -31.66 3.35 8.97
CA VAL B 183 -32.18 4.48 9.71
C VAL B 183 -31.64 5.85 9.20
N ILE B 184 -30.50 5.86 8.49
CA ILE B 184 -29.94 7.13 8.03
C ILE B 184 -30.80 7.87 7.03
N ASP B 185 -31.67 7.19 6.30
CA ASP B 185 -32.66 7.91 5.43
C ASP B 185 -33.47 8.98 6.23
N GLY B 186 -33.92 8.57 7.43
CA GLY B 186 -34.65 9.42 8.38
C GLY B 186 -33.83 10.44 9.17
N LEU B 187 -32.53 10.59 8.84
CA LEU B 187 -31.63 11.51 9.59
C LEU B 187 -30.96 12.59 8.73
N GLU B 188 -30.74 13.75 9.33
CA GLU B 188 -29.91 14.85 8.71
C GLU B 188 -28.51 14.65 9.27
N PHE B 189 -27.48 14.66 8.44
CA PHE B 189 -26.09 14.63 9.01
C PHE B 189 -25.07 15.31 8.11
N ASP B 190 -24.05 15.88 8.72
CA ASP B 190 -22.92 16.44 7.90
C ASP B 190 -21.87 15.38 7.54
N VAL B 191 -21.66 14.53 8.54
CA VAL B 191 -20.76 13.42 8.36
C VAL B 191 -21.30 12.06 8.75
N LEU B 192 -20.90 11.10 7.95
CA LEU B 192 -21.28 9.71 8.21
C LEU B 192 -20.04 8.90 8.41
N MET B 193 -20.03 8.10 9.48
CA MET B 193 -18.87 7.21 9.75
C MET B 193 -19.29 5.77 9.92
N VAL B 194 -18.48 4.82 9.44
CA VAL B 194 -18.81 3.40 9.42
C VAL B 194 -17.70 2.64 10.20
N ALA B 195 -18.09 2.16 11.38
CA ALA B 195 -17.25 1.30 12.21
C ALA B 195 -16.56 0.25 11.32
N ALA B 196 -15.30 -0.02 11.64
CA ALA B 196 -14.58 -1.08 10.97
C ALA B 196 -15.33 -2.44 11.13
N LEU B 197 -16.09 -2.64 12.23
CA LEU B 197 -16.82 -3.89 12.46
C LEU B 197 -18.30 -3.90 11.94
N ALA B 198 -18.77 -2.79 11.31
CA ALA B 198 -20.15 -2.71 10.76
C ALA B 198 -20.21 -3.64 9.58
N GLU B 199 -21.22 -4.52 9.57
CA GLU B 199 -21.30 -5.64 8.63
C GLU B 199 -22.78 -5.82 8.20
N PRO B 200 -22.99 -6.40 7.01
CA PRO B 200 -21.98 -6.77 5.99
C PRO B 200 -21.60 -5.56 5.15
N LYS B 201 -20.34 -5.40 4.75
CA LYS B 201 -19.94 -4.21 4.04
C LYS B 201 -20.73 -3.89 2.79
N ARG B 202 -21.06 -4.91 2.00
CA ARG B 202 -21.60 -4.79 0.61
C ARG B 202 -22.99 -4.11 0.72
N ARG B 203 -23.86 -4.72 1.53
CA ARG B 203 -25.16 -4.17 1.97
C ARG B 203 -25.03 -2.75 2.61
N VAL B 204 -24.11 -2.59 3.58
CA VAL B 204 -24.03 -1.32 4.30
C VAL B 204 -23.85 -0.21 3.26
N PHE B 205 -22.81 -0.36 2.46
CA PHE B 205 -22.44 0.67 1.40
C PHE B 205 -23.50 0.83 0.31
N ARG B 206 -24.21 -0.24 0.01
N ARG B 206 -24.22 -0.21 0.02
CA ARG B 206 -25.37 -0.07 -0.93
CA ARG B 206 -25.36 -0.05 -0.90
C ARG B 206 -26.49 0.81 -0.32
C ARG B 206 -26.48 0.83 -0.28
N ASN B 207 -26.87 0.55 0.95
CA ASN B 207 -27.81 1.45 1.68
C ASN B 207 -27.23 2.87 1.90
N ILE B 208 -25.94 2.98 2.20
CA ILE B 208 -25.35 4.35 2.26
C ILE B 208 -25.58 5.08 0.94
N HIS B 209 -25.38 4.39 -0.17
CA HIS B 209 -25.44 4.97 -1.51
C HIS B 209 -26.83 5.57 -1.82
N ARG B 210 -27.90 4.83 -1.51
CA ARG B 210 -29.26 5.32 -1.84
C ARG B 210 -29.68 6.49 -0.88
N TYR B 211 -29.00 6.65 0.30
CA TYR B 211 -29.51 7.59 1.30
C TYR B 211 -28.67 8.79 1.58
N VAL B 212 -27.55 8.88 0.89
CA VAL B 212 -26.77 10.14 1.00
C VAL B 212 -26.74 10.86 -0.34
N ASP B 213 -26.27 12.10 -0.32
CA ASP B 213 -25.99 12.81 -1.57
C ASP B 213 -24.47 12.84 -1.85
N THR B 214 -24.08 13.59 -2.87
CA THR B 214 -22.69 13.59 -3.37
C THR B 214 -21.82 14.65 -2.58
N GLU B 215 -22.43 15.37 -1.65
CA GLU B 215 -21.75 16.41 -0.85
C GLU B 215 -21.38 15.90 0.56
N THR B 216 -22.03 14.85 1.01
CA THR B 216 -21.92 14.39 2.38
C THR B 216 -20.65 13.62 2.61
N ARG B 217 -19.84 14.06 3.56
CA ARG B 217 -18.63 13.32 3.93
C ARG B 217 -18.85 11.97 4.56
N ILE B 218 -18.19 11.01 3.96
CA ILE B 218 -18.28 9.64 4.45
C ILE B 218 -16.92 9.03 4.82
N ILE B 219 -16.82 8.54 6.03
CA ILE B 219 -15.55 7.98 6.53
C ILE B 219 -15.73 6.63 7.01
N TYR B 220 -14.97 5.68 6.40
CA TYR B 220 -15.01 4.35 6.93
C TYR B 220 -13.62 3.83 7.37
N ARG B 221 -13.65 2.87 8.26
CA ARG B 221 -12.45 2.27 8.86
C ARG B 221 -12.28 0.92 8.21
N THR B 222 -11.05 0.64 7.86
CA THR B 222 -10.71 -0.59 7.22
C THR B 222 -9.30 -1.00 7.74
N TYR B 223 -8.66 -1.98 7.09
CA TYR B 223 -7.39 -2.63 7.54
C TYR B 223 -6.54 -2.75 6.30
N THR B 224 -5.28 -2.33 6.38
CA THR B 224 -4.35 -2.43 5.24
C THR B 224 -3.04 -2.98 5.71
N GLY B 225 -2.20 -3.38 4.77
CA GLY B 225 -1.00 -4.12 5.10
C GLY B 225 -1.24 -5.32 5.98
N MET B 226 -0.29 -5.46 6.85
CA MET B 226 -0.25 -6.60 7.71
C MET B 226 -1.36 -6.52 8.80
N ARG B 227 -1.88 -5.29 9.10
CA ARG B 227 -3.06 -5.12 9.94
C ARG B 227 -4.30 -5.84 9.40
N ALA B 228 -4.28 -6.21 8.12
CA ALA B 228 -5.39 -6.99 7.56
C ALA B 228 -5.40 -8.42 8.13
N ILE B 229 -4.35 -8.80 8.85
CA ILE B 229 -4.37 -10.03 9.67
C ILE B 229 -5.56 -10.04 10.68
N LEU B 230 -5.98 -8.85 11.10
CA LEU B 230 -6.91 -8.65 12.20
C LEU B 230 -8.36 -8.71 11.82
N TYR B 231 -8.64 -8.26 10.59
CA TYR B 231 -10.03 -8.21 10.13
C TYR B 231 -10.12 -8.02 8.58
N ALA B 232 -11.19 -8.53 7.98
CA ALA B 232 -11.35 -8.41 6.51
C ALA B 232 -11.46 -6.96 6.07
N PRO B 233 -10.59 -6.55 5.15
CA PRO B 233 -10.87 -5.18 4.72
C PRO B 233 -12.14 -4.98 3.84
N VAL B 234 -12.55 -3.72 3.79
CA VAL B 234 -13.51 -3.20 2.82
C VAL B 234 -12.86 -3.25 1.43
N SER B 235 -13.58 -3.90 0.51
CA SER B 235 -13.07 -4.06 -0.83
C SER B 235 -13.41 -2.86 -1.73
N ASP B 236 -12.65 -2.70 -2.82
CA ASP B 236 -13.00 -1.70 -3.79
C ASP B 236 -14.42 -2.06 -4.39
N ASP B 237 -14.72 -3.36 -4.59
CA ASP B 237 -16.11 -3.66 -4.97
C ASP B 237 -17.16 -3.17 -3.96
N ASP B 238 -16.86 -3.20 -2.64
CA ASP B 238 -17.86 -2.74 -1.62
C ASP B 238 -18.20 -1.24 -1.81
N ILE B 239 -17.28 -0.48 -2.35
CA ILE B 239 -17.50 0.98 -2.50
C ILE B 239 -17.79 1.43 -3.94
N THR B 240 -18.28 0.57 -4.80
CA THR B 240 -18.70 1.02 -6.12
CA THR B 240 -18.73 0.96 -6.14
C THR B 240 -19.74 2.14 -5.99
N GLY B 241 -19.69 3.11 -6.86
CA GLY B 241 -20.58 4.26 -6.71
C GLY B 241 -20.05 5.35 -5.76
N PHE B 242 -18.90 5.08 -5.15
CA PHE B 242 -18.11 6.13 -4.43
C PHE B 242 -16.72 6.40 -5.02
N ARG B 243 -16.15 7.55 -4.64
CA ARG B 243 -14.73 7.82 -5.01
C ARG B 243 -13.95 8.06 -3.71
N ARG B 244 -12.76 7.54 -3.63
CA ARG B 244 -11.92 7.84 -2.49
CA ARG B 244 -11.89 7.83 -2.50
C ARG B 244 -11.36 9.24 -2.66
N ALA B 245 -11.31 9.96 -1.56
CA ALA B 245 -10.92 11.37 -1.49
C ALA B 245 -9.90 11.70 -0.37
N GLY B 246 -9.23 10.70 0.19
CA GLY B 246 -8.22 10.87 1.29
C GLY B 246 -8.18 9.53 2.08
N VAL B 247 -7.02 9.12 2.52
CA VAL B 247 -6.82 7.90 3.32
C VAL B 247 -5.90 8.30 4.46
N VAL B 248 -6.10 7.72 5.64
CA VAL B 248 -5.11 7.90 6.70
C VAL B 248 -4.57 6.52 7.06
N LEU B 249 -3.31 6.26 6.71
CA LEU B 249 -2.65 5.04 7.05
C LEU B 249 -2.18 5.11 8.53
N PRO B 250 -2.50 4.07 9.34
CA PRO B 250 -2.12 4.18 10.79
C PRO B 250 -0.63 3.97 11.09
N SER B 251 -0.17 4.55 12.22
CA SER B 251 1.08 4.17 12.77
C SER B 251 0.96 3.78 14.23
N GLY B 252 2.12 3.53 14.85
CA GLY B 252 2.14 3.14 16.26
C GLY B 252 1.28 1.87 16.39
N LYS B 253 0.32 1.91 17.28
CA LYS B 253 -0.51 0.75 17.59
C LYS B 253 -1.89 0.92 17.03
N VAL B 254 -2.20 2.02 16.35
CA VAL B 254 -3.51 2.13 15.71
C VAL B 254 -3.69 0.96 14.69
N ASN B 255 -4.85 0.27 14.74
CA ASN B 255 -5.14 -0.77 13.78
C ASN B 255 -5.80 -0.28 12.48
N ASN B 256 -6.63 0.77 12.57
CA ASN B 256 -7.54 1.12 11.45
C ASN B 256 -6.91 2.10 10.52
N THR B 257 -7.12 1.81 9.23
CA THR B 257 -6.97 2.78 8.12
C THR B 257 -8.30 3.53 7.99
N SER B 258 -8.25 4.85 7.76
CA SER B 258 -9.49 5.60 7.68
C SER B 258 -9.56 6.14 6.26
N VAL B 259 -10.71 6.02 5.67
CA VAL B 259 -10.86 6.42 4.25
C VAL B 259 -12.05 7.37 4.12
N LEU B 260 -11.87 8.42 3.34
CA LEU B 260 -12.93 9.36 3.04
C LEU B 260 -13.41 9.13 1.64
N VAL B 261 -14.75 9.12 1.51
CA VAL B 261 -15.36 8.91 0.21
C VAL B 261 -16.52 9.85 0.06
N PHE B 262 -16.71 10.25 -1.18
CA PHE B 262 -17.98 10.89 -1.61
C PHE B 262 -18.75 10.00 -2.62
N LYS B 263 -20.07 9.98 -2.49
CA LYS B 263 -20.89 9.34 -3.45
C LYS B 263 -20.64 10.02 -4.82
N CYS B 264 -20.58 9.19 -5.89
CA CYS B 264 -20.51 9.64 -7.33
C CYS B 264 -21.88 10.23 -7.74
N PRO B 265 -21.91 11.36 -8.51
CA PRO B 265 -22.94 11.65 -9.52
C PRO B 265 -23.53 10.64 -10.44
N ASP B 266 -24.77 10.23 -10.10
CA ASP B 266 -26.00 10.08 -10.97
C ASP B 266 -26.27 8.78 -11.73
#